data_9PW6
#
_entry.id   9PW6
#
_cell.length_a   38.613
_cell.length_b   87.678
_cell.length_c   50.348
_cell.angle_alpha   90.000
_cell.angle_beta   102.422
_cell.angle_gamma   90.000
#
_symmetry.space_group_name_H-M   'P 1 21 1'
#
loop_
_entity.id
_entity.type
_entity.pdbx_description
1 polymer 'Induced myeloid leukemia cell differentiation protein Mcl-1'
2 non-polymer '7-[(4R,5S,6P)-7-chloro-10-[3-(4-chloro-3,5-dimethylphenoxy)propyl]-4-methyl-1-oxo-6-(1,3,5-trimethyl-1H-pyrazol-4-yl)-3,4-dihydropyrazino[1,2-a]indol-2(1H)-yl]-1-(2-methoxyethyl)-5-methyl-1H-indole-2-carboxylic acid'
3 water water
#
_entity_poly.entity_id   1
_entity_poly.type   'polypeptide(L)'
_entity_poly.pdbx_seq_one_letter_code
;EEDELYRQSLEIISRYLREQATGAKDTKPMGRSGATSRKALETLRRVGDGVQRNHETAFQGMLRKLDIKNEDDVKSLSRV
MIHVFSDGVTNWGRIVTLISFGAFVAKHLKTINQESCIEPLAESITDVLVRTKRDWLVKQRGWDGFVEFFHV
;
_entity_poly.pdbx_strand_id   A,B
#
loop_
_chem_comp.id
_chem_comp.type
_chem_comp.name
_chem_comp.formula
A1CL3 non-polymer '7-[(4R,5S,6P)-7-chloro-10-[3-(4-chloro-3,5-dimethylphenoxy)propyl]-4-methyl-1-oxo-6-(1,3,5-trimethyl-1H-pyrazol-4-yl)-3,4-dihydropyrazino[1,2-a]indol-2(1H)-yl]-1-(2-methoxyethyl)-5-methyl-1H-indole-2-carboxylic acid' 'C42 H45 Cl2 N5 O5'
#
# COMPACT_ATOMS: atom_id res chain seq x y z
N ASP A 3 -11.27 -13.64 14.73
CA ASP A 3 -12.44 -12.75 14.49
C ASP A 3 -11.91 -11.36 14.12
N GLU A 4 -12.21 -10.36 14.96
CA GLU A 4 -11.76 -8.99 14.76
C GLU A 4 -10.25 -8.87 15.04
N LEU A 5 -9.74 -9.65 16.00
CA LEU A 5 -8.38 -9.54 16.51
C LEU A 5 -7.37 -9.83 15.40
N TYR A 6 -7.64 -10.86 14.58
CA TYR A 6 -6.71 -11.18 13.52
C TYR A 6 -6.67 -10.03 12.50
N ARG A 7 -7.86 -9.57 12.09
CA ARG A 7 -7.97 -8.58 11.02
C ARG A 7 -7.24 -7.32 11.48
N GLN A 8 -7.49 -6.90 12.72
CA GLN A 8 -6.94 -5.66 13.23
C GLN A 8 -5.41 -5.80 13.34
N SER A 9 -4.93 -6.93 13.89
CA SER A 9 -3.51 -7.16 14.01
C SER A 9 -2.83 -7.11 12.64
N LEU A 10 -3.37 -7.81 11.64
CA LEU A 10 -2.80 -7.87 10.30
C LEU A 10 -2.76 -6.47 9.69
N GLU A 11 -3.83 -5.69 9.87
CA GLU A 11 -3.85 -4.34 9.34
C GLU A 11 -2.73 -3.49 9.95
N ILE A 12 -2.55 -3.55 11.28
CA ILE A 12 -1.50 -2.81 11.95
C ILE A 12 -0.12 -3.26 11.48
N ILE A 13 0.12 -4.57 11.46
CA ILE A 13 1.45 -5.10 11.19
C ILE A 13 1.84 -4.85 9.74
N SER A 14 0.90 -5.14 8.82
CA SER A 14 1.10 -4.96 7.39
C SER A 14 1.44 -3.51 7.10
N ARG A 15 0.65 -2.58 7.66
CA ARG A 15 0.91 -1.16 7.41
C ARG A 15 2.31 -0.77 7.87
N TYR A 16 2.71 -1.15 9.10
CA TYR A 16 4.05 -0.78 9.58
C TYR A 16 5.18 -1.39 8.73
N LEU A 17 5.14 -2.68 8.42
CA LEU A 17 6.18 -3.31 7.61
C LEU A 17 6.27 -2.63 6.22
N ARG A 18 5.12 -2.33 5.61
CA ARG A 18 5.09 -1.74 4.28
C ARG A 18 5.73 -0.36 4.33
N GLU A 19 5.29 0.45 5.30
CA GLU A 19 5.78 1.81 5.42
C GLU A 19 7.27 1.78 5.72
N GLN A 20 7.70 0.84 6.57
CA GLN A 20 9.10 0.75 6.91
C GLN A 20 9.88 0.43 5.64
N ALA A 21 9.38 -0.52 4.83
CA ALA A 21 10.08 -0.91 3.61
C ALA A 21 10.21 0.25 2.61
N THR A 22 9.19 1.10 2.47
CA THR A 22 9.30 2.20 1.50
C THR A 22 10.19 3.31 2.05
N GLY A 23 10.27 3.40 3.39
CA GLY A 23 11.15 4.35 4.07
C GLY A 23 10.55 5.76 4.17
N ALA A 24 9.21 5.85 4.06
CA ALA A 24 8.45 7.03 4.46
C ALA A 24 7.11 6.63 5.06
N LYS A 25 6.65 7.40 6.07
CA LYS A 25 5.39 7.18 6.75
C LYS A 25 4.23 7.23 5.76
N ASP A 26 3.15 6.48 6.07
CA ASP A 26 1.86 6.55 5.41
C ASP A 26 0.80 6.86 6.47
N THR A 27 0.14 8.03 6.35
CA THR A 27 -0.86 8.41 7.34
C THR A 27 -2.27 8.39 6.77
N LYS A 28 -2.50 7.65 5.69
CA LYS A 28 -3.86 7.28 5.32
C LYS A 28 -4.55 6.65 6.52
N PRO A 29 -5.81 7.02 6.84
CA PRO A 29 -6.50 6.46 8.00
C PRO A 29 -6.81 4.97 7.80
N MET A 30 -7.31 4.31 8.83
CA MET A 30 -7.29 2.86 8.92
C MET A 30 -8.57 2.20 8.41
N GLY A 31 -9.41 1.70 9.32
CA GLY A 31 -10.69 1.10 8.98
C GLY A 31 -11.81 1.70 9.83
N ARG A 32 -12.68 0.83 10.35
CA ARG A 32 -13.78 1.21 11.23
C ARG A 32 -13.24 1.56 12.60
N SER A 33 -12.53 0.62 13.24
CA SER A 33 -11.82 0.87 14.49
C SER A 33 -10.56 1.69 14.20
N GLY A 34 -10.77 2.80 13.48
CA GLY A 34 -9.73 3.65 12.94
C GLY A 34 -8.81 4.22 14.02
N ALA A 35 -9.41 4.64 15.15
CA ALA A 35 -8.68 5.32 16.22
C ALA A 35 -7.61 4.42 16.85
N THR A 36 -8.01 3.20 17.25
CA THR A 36 -7.10 2.28 17.92
C THR A 36 -5.98 1.87 16.96
N SER A 37 -6.35 1.50 15.73
CA SER A 37 -5.35 1.02 14.77
C SER A 37 -4.35 2.14 14.41
N ARG A 38 -4.86 3.37 14.25
CA ARG A 38 -4.01 4.55 14.03
C ARG A 38 -3.03 4.73 15.20
N LYS A 39 -3.57 4.64 16.41
CA LYS A 39 -2.72 4.90 17.57
C LYS A 39 -1.69 3.79 17.76
N ALA A 40 -2.08 2.54 17.49
CA ALA A 40 -1.15 1.41 17.56
C ALA A 40 -0.02 1.59 16.55
N LEU A 41 -0.37 2.06 15.34
CA LEU A 41 0.61 2.30 14.29
C LEU A 41 1.57 3.42 14.67
N GLU A 42 1.04 4.49 15.28
CA GLU A 42 1.89 5.58 15.76
C GLU A 42 2.84 5.08 16.84
N THR A 43 2.35 4.16 17.68
CA THR A 43 3.16 3.62 18.79
C THR A 43 4.26 2.75 18.21
N LEU A 44 3.93 1.91 17.21
CA LEU A 44 4.93 1.08 16.54
C LEU A 44 6.02 1.93 15.92
N ARG A 45 5.65 3.03 15.27
CA ARG A 45 6.65 3.93 14.71
C ARG A 45 7.62 4.38 15.79
N ARG A 46 7.09 4.85 16.93
CA ARG A 46 7.94 5.34 18.01
C ARG A 46 8.76 4.21 18.63
N VAL A 47 8.10 3.20 19.22
CA VAL A 47 8.77 2.16 20.01
C VAL A 47 9.56 1.23 19.08
N GLY A 48 8.93 0.83 17.95
CA GLY A 48 9.50 -0.07 16.95
C GLY A 48 10.79 0.47 16.35
N ASP A 49 10.81 1.77 16.03
CA ASP A 49 12.01 2.37 15.45
C ASP A 49 13.16 2.34 16.46
N GLY A 50 12.84 2.54 17.75
CA GLY A 50 13.85 2.52 18.79
C GLY A 50 14.41 1.13 19.00
N VAL A 51 13.51 0.13 18.98
CA VAL A 51 13.91 -1.26 19.14
C VAL A 51 14.91 -1.60 18.03
N GLN A 52 14.65 -1.17 16.78
CA GLN A 52 15.53 -1.53 15.66
C GLN A 52 16.92 -0.93 15.88
N ARG A 53 16.96 0.33 16.34
CA ARG A 53 18.22 1.01 16.64
C ARG A 53 18.95 0.26 17.76
N ASN A 54 18.22 -0.04 18.85
CA ASN A 54 18.88 -0.65 20.00
C ASN A 54 19.52 -1.99 19.65
N HIS A 55 18.84 -2.79 18.81
CA HIS A 55 19.24 -4.18 18.62
C HIS A 55 19.75 -4.39 17.21
N GLU A 56 20.26 -3.31 16.61
CA GLU A 56 20.81 -3.28 15.26
C GLU A 56 21.75 -4.47 15.05
N THR A 57 22.68 -4.70 15.98
CA THR A 57 23.69 -5.74 15.84
C THR A 57 23.06 -7.14 15.80
N ALA A 58 22.25 -7.48 16.80
CA ALA A 58 21.63 -8.81 16.87
C ALA A 58 20.66 -9.02 15.70
N PHE A 59 19.93 -7.95 15.33
CA PHE A 59 19.01 -8.00 14.20
C PHE A 59 19.79 -8.30 12.92
N GLN A 60 20.92 -7.62 12.75
CA GLN A 60 21.76 -7.77 11.56
C GLN A 60 22.30 -9.20 11.51
N GLY A 61 22.86 -9.67 12.63
CA GLY A 61 23.41 -11.02 12.67
C GLY A 61 22.37 -12.09 12.34
N MET A 62 21.19 -11.98 12.96
CA MET A 62 20.08 -12.88 12.70
C MET A 62 19.63 -12.79 11.23
N LEU A 63 19.39 -11.57 10.72
CA LEU A 63 19.05 -11.43 9.30
C LEU A 63 20.03 -12.21 8.41
N ARG A 64 21.34 -12.03 8.68
CA ARG A 64 22.37 -12.64 7.84
C ARG A 64 22.24 -14.16 7.87
N LYS A 65 21.99 -14.74 9.07
CA LYS A 65 21.88 -16.18 9.22
C LYS A 65 20.63 -16.72 8.53
N LEU A 66 19.57 -15.92 8.44
CA LEU A 66 18.32 -16.35 7.80
C LEU A 66 18.44 -16.39 6.28
N ASP A 67 19.43 -15.69 5.71
CA ASP A 67 19.78 -15.87 4.30
C ASP A 67 18.53 -15.85 3.41
N ILE A 68 17.78 -14.74 3.41
CA ILE A 68 16.50 -14.68 2.71
C ILE A 68 16.73 -14.24 1.26
N LYS A 69 16.04 -14.90 0.32
CA LYS A 69 16.17 -14.60 -1.10
C LYS A 69 14.81 -14.41 -1.78
N ASN A 70 13.77 -15.15 -1.38
CA ASN A 70 12.55 -15.20 -2.18
C ASN A 70 11.35 -15.58 -1.30
N GLU A 71 10.18 -15.72 -1.93
CA GLU A 71 8.94 -16.03 -1.24
C GLU A 71 9.02 -17.39 -0.54
N ASP A 72 9.79 -18.34 -1.10
CA ASP A 72 9.92 -19.66 -0.49
C ASP A 72 10.64 -19.59 0.85
N ASP A 73 11.64 -18.72 0.94
CA ASP A 73 12.36 -18.46 2.18
C ASP A 73 11.41 -17.88 3.23
N VAL A 74 10.57 -16.94 2.77
CA VAL A 74 9.59 -16.26 3.60
C VAL A 74 8.69 -17.30 4.24
N LYS A 75 8.25 -18.28 3.44
CA LYS A 75 7.42 -19.36 3.92
C LYS A 75 8.12 -20.17 5.01
N SER A 76 9.45 -20.15 5.01
CA SER A 76 10.24 -21.00 5.89
C SER A 76 10.73 -20.23 7.13
N LEU A 77 10.23 -18.98 7.31
CA LEU A 77 10.70 -18.15 8.42
C LEU A 77 9.91 -18.46 9.69
N SER A 78 8.70 -18.98 9.50
CA SER A 78 7.75 -19.14 10.58
C SER A 78 8.33 -19.97 11.73
N ARG A 79 9.21 -20.94 11.43
CA ARG A 79 9.65 -21.91 12.39
C ARG A 79 10.65 -21.28 13.36
N VAL A 80 11.59 -20.52 12.81
CA VAL A 80 12.55 -19.84 13.65
C VAL A 80 11.80 -18.78 14.47
N MET A 81 10.90 -18.03 13.80
CA MET A 81 10.08 -17.01 14.44
C MET A 81 9.35 -17.59 15.64
N ILE A 82 8.64 -18.71 15.47
CA ILE A 82 7.87 -19.35 16.52
C ILE A 82 8.80 -19.73 17.69
N HIS A 83 9.92 -20.35 17.33
CA HIS A 83 10.88 -20.79 18.32
C HIS A 83 11.35 -19.61 19.17
N VAL A 84 11.69 -18.48 18.53
CA VAL A 84 12.25 -17.37 19.26
C VAL A 84 11.19 -16.61 20.07
N PHE A 85 9.91 -16.67 19.69
CA PHE A 85 8.90 -15.84 20.32
C PHE A 85 8.06 -16.60 21.36
N SER A 86 7.85 -17.89 21.15
CA SER A 86 6.81 -18.57 21.91
C SER A 86 7.33 -19.12 23.25
N ASP A 87 8.57 -18.76 23.60
CA ASP A 87 9.13 -19.00 24.91
C ASP A 87 8.44 -18.13 25.98
N GLY A 88 8.42 -18.61 27.23
CA GLY A 88 8.51 -17.79 28.43
C GLY A 88 7.51 -16.62 28.54
N VAL A 89 8.04 -15.42 28.79
CA VAL A 89 7.24 -14.31 29.29
C VAL A 89 6.52 -13.65 28.10
N THR A 90 5.26 -13.27 28.31
CA THR A 90 4.50 -12.48 27.36
C THR A 90 4.36 -11.06 27.91
N ASN A 91 4.65 -10.06 27.06
CA ASN A 91 4.34 -8.69 27.37
C ASN A 91 4.35 -7.90 26.07
N TRP A 92 3.84 -6.68 26.08
CA TRP A 92 3.75 -5.88 24.87
C TRP A 92 5.14 -5.53 24.32
N GLY A 93 6.15 -5.37 25.19
CA GLY A 93 7.48 -5.09 24.67
C GLY A 93 7.99 -6.23 23.79
N ARG A 94 7.70 -7.45 24.20
CA ARG A 94 8.15 -8.61 23.44
C ARG A 94 7.43 -8.64 22.08
N ILE A 95 6.13 -8.25 22.08
CA ILE A 95 5.29 -8.22 20.90
C ILE A 95 5.79 -7.12 19.94
N VAL A 96 6.16 -5.97 20.49
CA VAL A 96 6.77 -4.94 19.65
C VAL A 96 8.09 -5.44 19.06
N THR A 97 8.89 -6.23 19.84
CA THR A 97 10.17 -6.73 19.35
C THR A 97 9.95 -7.68 18.16
N LEU A 98 8.94 -8.57 18.23
CA LEU A 98 8.58 -9.46 17.12
C LEU A 98 8.26 -8.65 15.86
N ILE A 99 7.44 -7.60 16.00
CA ILE A 99 7.02 -6.81 14.85
C ILE A 99 8.19 -5.98 14.31
N SER A 100 9.04 -5.48 15.22
CA SER A 100 10.18 -4.63 14.87
C SER A 100 11.18 -5.44 14.06
N PHE A 101 11.38 -6.70 14.47
CA PHE A 101 12.23 -7.57 13.68
C PHE A 101 11.55 -7.82 12.31
N GLY A 102 10.21 -7.86 12.30
CA GLY A 102 9.48 -7.97 11.04
C GLY A 102 9.78 -6.80 10.10
N ALA A 103 9.79 -5.56 10.64
CA ALA A 103 10.11 -4.38 9.82
C ALA A 103 11.53 -4.44 9.31
N PHE A 104 12.43 -4.94 10.13
CA PHE A 104 13.84 -5.07 9.75
C PHE A 104 14.01 -5.99 8.54
N VAL A 105 13.27 -7.11 8.55
CA VAL A 105 13.33 -8.05 7.45
C VAL A 105 12.67 -7.40 6.23
N ALA A 106 11.57 -6.65 6.47
CA ALA A 106 10.82 -6.08 5.36
C ALA A 106 11.68 -5.08 4.57
N LYS A 107 12.53 -4.31 5.29
CA LYS A 107 13.48 -3.43 4.64
C LYS A 107 14.45 -4.24 3.78
N HIS A 108 14.90 -5.38 4.31
CA HIS A 108 15.79 -6.21 3.50
C HIS A 108 15.09 -6.71 2.24
N LEU A 109 13.83 -7.12 2.39
CA LEU A 109 13.07 -7.61 1.24
C LEU A 109 12.99 -6.55 0.14
N LYS A 110 12.84 -5.29 0.52
CA LYS A 110 12.83 -4.19 -0.43
C LYS A 110 14.17 -4.08 -1.14
N THR A 111 15.26 -4.15 -0.37
CA THR A 111 16.61 -4.02 -0.88
C THR A 111 16.86 -5.02 -2.01
N ILE A 112 16.33 -6.25 -1.86
CA ILE A 112 16.57 -7.30 -2.85
C ILE A 112 15.41 -7.44 -3.82
N ASN A 113 14.55 -6.42 -3.93
CA ASN A 113 13.47 -6.36 -4.92
C ASN A 113 12.46 -7.49 -4.68
N GLN A 114 12.15 -7.77 -3.41
CA GLN A 114 11.24 -8.84 -3.02
C GLN A 114 10.05 -8.26 -2.28
N GLU A 115 9.58 -7.09 -2.73
CA GLU A 115 8.41 -6.43 -2.17
C GLU A 115 7.20 -7.34 -2.12
N SER A 116 7.03 -8.25 -3.11
CA SER A 116 5.93 -9.21 -3.13
C SER A 116 5.91 -10.06 -1.84
N CYS A 117 7.02 -10.10 -1.09
CA CYS A 117 7.12 -11.01 0.02
C CYS A 117 6.69 -10.32 1.32
N ILE A 118 6.44 -9.01 1.26
CA ILE A 118 6.25 -8.28 2.51
C ILE A 118 4.88 -8.65 3.10
N GLU A 119 3.87 -8.81 2.23
CA GLU A 119 2.52 -9.19 2.64
C GLU A 119 2.53 -10.60 3.28
N PRO A 120 3.06 -11.64 2.60
CA PRO A 120 3.24 -12.95 3.23
C PRO A 120 3.97 -12.92 4.56
N LEU A 121 5.02 -12.09 4.66
CA LEU A 121 5.74 -11.90 5.92
C LEU A 121 4.80 -11.42 7.02
N ALA A 122 4.09 -10.32 6.78
CA ALA A 122 3.18 -9.71 7.74
C ALA A 122 2.13 -10.74 8.18
N GLU A 123 1.56 -11.48 7.21
CA GLU A 123 0.60 -12.52 7.54
C GLU A 123 1.18 -13.61 8.44
N SER A 124 2.42 -14.02 8.13
CA SER A 124 3.09 -15.02 8.94
C SER A 124 3.32 -14.52 10.37
N ILE A 125 3.78 -13.26 10.53
CA ILE A 125 3.89 -12.62 11.84
C ILE A 125 2.54 -12.60 12.56
N THR A 126 1.51 -12.08 11.87
CA THR A 126 0.18 -12.01 12.47
C THR A 126 -0.30 -13.41 12.89
N ASP A 127 -0.11 -14.40 12.00
CA ASP A 127 -0.61 -15.75 12.26
C ASP A 127 0.02 -16.25 13.57
N VAL A 128 1.35 -16.14 13.68
CA VAL A 128 2.04 -16.60 14.88
C VAL A 128 1.58 -15.82 16.12
N LEU A 129 1.42 -14.51 15.99
CA LEU A 129 1.09 -13.69 17.15
C LEU A 129 -0.28 -14.11 17.71
N VAL A 130 -1.26 -14.18 16.81
CA VAL A 130 -2.63 -14.34 17.22
C VAL A 130 -2.89 -15.79 17.64
N ARG A 131 -2.20 -16.74 16.99
CA ARG A 131 -2.37 -18.13 17.37
C ARG A 131 -1.79 -18.39 18.77
N THR A 132 -0.57 -17.90 19.04
CA THR A 132 0.11 -18.30 20.26
C THR A 132 -0.29 -17.47 21.46
N LYS A 133 -0.81 -16.24 21.26
CA LYS A 133 -1.01 -15.31 22.36
C LYS A 133 -2.45 -14.83 22.42
N ARG A 134 -3.36 -15.57 21.74
CA ARG A 134 -4.75 -15.21 21.59
C ARG A 134 -5.36 -14.89 22.96
N ASP A 135 -5.25 -15.81 23.92
CA ASP A 135 -5.90 -15.64 25.22
C ASP A 135 -5.34 -14.42 25.95
N TRP A 136 -4.01 -14.23 25.91
CA TRP A 136 -3.40 -13.09 26.58
C TRP A 136 -3.86 -11.80 25.92
N LEU A 137 -3.89 -11.77 24.58
CA LEU A 137 -4.29 -10.57 23.85
C LEU A 137 -5.73 -10.19 24.25
N VAL A 138 -6.61 -11.20 24.33
CA VAL A 138 -8.01 -10.94 24.70
C VAL A 138 -8.08 -10.38 26.12
N LYS A 139 -7.34 -10.97 27.07
CA LYS A 139 -7.31 -10.49 28.44
C LYS A 139 -6.86 -9.02 28.52
N GLN A 140 -6.01 -8.56 27.58
CA GLN A 140 -5.55 -7.18 27.65
C GLN A 140 -6.52 -6.27 26.89
N ARG A 141 -7.62 -6.81 26.36
CA ARG A 141 -8.52 -6.09 25.45
C ARG A 141 -7.83 -5.80 24.11
N GLY A 142 -6.84 -6.62 23.76
CA GLY A 142 -6.18 -6.54 22.46
C GLY A 142 -5.51 -5.19 22.28
N TRP A 143 -5.58 -4.65 21.05
CA TRP A 143 -4.82 -3.46 20.69
C TRP A 143 -5.27 -2.22 21.46
N ASP A 144 -6.52 -2.19 21.95
CA ASP A 144 -7.00 -1.15 22.87
C ASP A 144 -6.12 -1.09 24.12
N GLY A 145 -5.81 -2.27 24.71
CA GLY A 145 -4.90 -2.39 25.84
C GLY A 145 -3.51 -1.85 25.53
N PHE A 146 -3.08 -2.10 24.29
CA PHE A 146 -1.77 -1.61 23.85
C PHE A 146 -1.80 -0.06 23.77
N VAL A 147 -2.80 0.47 23.07
CA VAL A 147 -2.79 1.91 22.82
C VAL A 147 -3.09 2.64 24.14
N GLU A 148 -3.97 2.07 24.97
CA GLU A 148 -4.41 2.65 26.22
C GLU A 148 -3.23 2.96 27.13
N PHE A 149 -2.20 2.09 27.13
CA PHE A 149 -1.17 2.20 28.14
C PHE A 149 0.20 2.54 27.56
N PHE A 150 0.36 2.47 26.23
CA PHE A 150 1.70 2.55 25.66
C PHE A 150 1.87 3.76 24.75
N HIS A 151 0.75 4.20 24.11
CA HIS A 151 0.72 5.31 23.18
C HIS A 151 0.78 6.63 23.92
N VAL A 152 1.70 7.50 23.46
CA VAL A 152 1.91 8.81 24.07
C VAL A 152 1.53 9.88 23.03
N GLU B 1 -2.84 -11.77 -2.11
CA GLU B 1 -1.64 -10.91 -1.93
C GLU B 1 -1.72 -9.74 -2.92
N GLU B 2 -2.43 -8.65 -2.57
CA GLU B 2 -2.57 -7.56 -3.52
C GLU B 2 -1.95 -6.26 -2.98
N ASP B 3 -1.34 -6.32 -1.78
CA ASP B 3 -0.90 -5.10 -1.12
C ASP B 3 0.14 -4.40 -1.99
N GLU B 4 1.08 -5.17 -2.55
CA GLU B 4 2.22 -4.63 -3.31
C GLU B 4 1.72 -4.04 -4.63
N LEU B 5 0.76 -4.72 -5.26
CA LEU B 5 0.22 -4.25 -6.53
C LEU B 5 -0.57 -2.97 -6.29
N TYR B 6 -1.31 -2.89 -5.19
CA TYR B 6 -2.03 -1.66 -4.88
C TYR B 6 -1.02 -0.52 -4.65
N ARG B 7 0.01 -0.75 -3.85
CA ARG B 7 0.93 0.32 -3.46
C ARG B 7 1.60 0.85 -4.72
N GLN B 8 2.06 -0.07 -5.59
CA GLN B 8 2.79 0.35 -6.77
C GLN B 8 1.84 1.11 -7.71
N SER B 9 0.62 0.58 -7.91
CA SER B 9 -0.36 1.23 -8.77
C SER B 9 -0.67 2.66 -8.27
N LEU B 10 -0.95 2.82 -6.98
CA LEU B 10 -1.19 4.13 -6.39
C LEU B 10 0.00 5.08 -6.59
N GLU B 11 1.23 4.57 -6.40
CA GLU B 11 2.40 5.41 -6.60
C GLU B 11 2.45 5.95 -8.04
N ILE B 12 2.16 5.09 -9.02
CA ILE B 12 2.14 5.54 -10.40
C ILE B 12 1.00 6.53 -10.63
N ILE B 13 -0.21 6.19 -10.19
CA ILE B 13 -1.41 6.92 -10.58
C ILE B 13 -1.42 8.31 -9.93
N SER B 14 -1.08 8.37 -8.63
CA SER B 14 -1.03 9.59 -7.85
C SER B 14 -0.06 10.58 -8.49
N ARG B 15 1.13 10.11 -8.86
CA ARG B 15 2.14 10.93 -9.49
C ARG B 15 1.62 11.52 -10.81
N TYR B 16 1.00 10.68 -11.67
CA TYR B 16 0.52 11.15 -12.97
C TYR B 16 -0.57 12.21 -12.79
N LEU B 17 -1.60 11.89 -11.99
CA LEU B 17 -2.68 12.85 -11.77
C LEU B 17 -2.12 14.18 -11.25
N ARG B 18 -1.23 14.15 -10.27
CA ARG B 18 -0.68 15.35 -9.67
C ARG B 18 0.09 16.18 -10.70
N GLU B 19 0.94 15.51 -11.47
CA GLU B 19 1.75 16.20 -12.47
C GLU B 19 0.84 16.80 -13.53
N GLN B 20 -0.19 16.05 -13.92
CA GLN B 20 -1.11 16.58 -14.90
C GLN B 20 -1.83 17.79 -14.30
N ALA B 21 -2.23 17.73 -13.01
CA ALA B 21 -2.97 18.82 -12.40
C ALA B 21 -2.12 20.08 -12.26
N THR B 22 -0.87 19.91 -11.80
CA THR B 22 -0.04 21.00 -11.23
C THR B 22 1.05 21.38 -12.21
N GLY B 23 1.44 20.44 -13.09
CA GLY B 23 2.37 20.70 -14.18
C GLY B 23 3.82 20.44 -13.77
N ALA B 24 4.06 19.90 -12.57
CA ALA B 24 5.40 19.68 -12.08
C ALA B 24 5.52 18.33 -11.36
N LYS B 25 6.71 17.71 -11.54
CA LYS B 25 7.06 16.40 -11.04
C LYS B 25 7.26 16.42 -9.53
N ASP B 26 7.41 15.24 -8.92
CA ASP B 26 7.59 15.14 -7.50
C ASP B 26 8.19 13.81 -7.10
N THR B 27 9.51 13.67 -7.16
CA THR B 27 10.23 12.67 -6.37
C THR B 27 10.10 11.28 -7.00
N LYS B 28 11.26 10.62 -7.22
CA LYS B 28 11.26 9.41 -8.01
C LYS B 28 11.34 8.18 -7.10
N PRO B 29 10.47 7.16 -7.31
CA PRO B 29 10.53 5.95 -6.49
C PRO B 29 11.81 5.17 -6.79
N MET B 30 12.23 4.34 -5.83
CA MET B 30 13.56 3.76 -5.83
C MET B 30 13.52 2.24 -6.11
N GLY B 31 14.68 1.70 -6.49
CA GLY B 31 15.01 0.29 -6.54
C GLY B 31 14.09 -0.59 -7.38
N ARG B 32 14.23 -0.56 -8.70
CA ARG B 32 13.79 -1.64 -9.57
C ARG B 32 12.27 -1.62 -9.76
N SER B 33 11.49 -1.90 -8.70
CA SER B 33 10.07 -1.62 -8.79
C SER B 33 9.88 -0.13 -9.07
N GLY B 34 10.67 0.74 -8.38
CA GLY B 34 10.73 2.17 -8.64
C GLY B 34 11.03 2.51 -10.11
N ALA B 35 11.96 1.75 -10.71
CA ALA B 35 12.39 1.93 -12.08
C ALA B 35 11.23 1.63 -13.03
N THR B 36 10.51 0.52 -12.77
CA THR B 36 9.27 0.23 -13.51
C THR B 36 8.25 1.36 -13.35
N SER B 37 8.07 1.88 -12.13
CA SER B 37 7.13 2.98 -11.90
C SER B 37 7.48 4.22 -12.72
N ARG B 38 8.77 4.57 -12.80
CA ARG B 38 9.23 5.67 -13.62
C ARG B 38 8.89 5.40 -15.10
N LYS B 39 9.17 4.19 -15.56
CA LYS B 39 8.83 3.85 -16.93
C LYS B 39 7.31 3.97 -17.20
N ALA B 40 6.49 3.42 -16.29
CA ALA B 40 5.04 3.49 -16.44
C ALA B 40 4.56 4.95 -16.52
N LEU B 41 5.17 5.81 -15.68
CA LEU B 41 4.86 7.24 -15.61
C LEU B 41 5.24 7.92 -16.91
N GLU B 42 6.41 7.60 -17.47
CA GLU B 42 6.84 8.18 -18.74
C GLU B 42 5.86 7.75 -19.84
N THR B 43 5.35 6.50 -19.78
CA THR B 43 4.40 5.98 -20.77
C THR B 43 3.09 6.77 -20.69
N LEU B 44 2.62 7.00 -19.46
CA LEU B 44 1.39 7.73 -19.24
C LEU B 44 1.54 9.15 -19.78
N ARG B 45 2.68 9.82 -19.54
CA ARG B 45 2.88 11.17 -20.05
C ARG B 45 2.71 11.18 -21.58
N ARG B 46 3.34 10.22 -22.26
CA ARG B 46 3.26 10.14 -23.72
C ARG B 46 1.85 9.81 -24.18
N VAL B 47 1.30 8.64 -23.81
CA VAL B 47 0.05 8.15 -24.37
C VAL B 47 -1.15 8.91 -23.77
N GLY B 48 -1.12 9.15 -22.45
CA GLY B 48 -2.25 9.69 -21.70
C GLY B 48 -2.75 11.03 -22.23
N ASP B 49 -1.83 11.87 -22.66
CA ASP B 49 -2.17 13.21 -23.12
C ASP B 49 -2.94 13.12 -24.44
N GLY B 50 -2.59 12.16 -25.30
CA GLY B 50 -3.30 11.94 -26.55
C GLY B 50 -4.73 11.43 -26.31
N VAL B 51 -4.89 10.52 -25.35
CA VAL B 51 -6.20 10.00 -25.00
C VAL B 51 -7.10 11.17 -24.59
N GLN B 52 -6.58 12.11 -23.78
CA GLN B 52 -7.42 13.19 -23.29
C GLN B 52 -7.86 14.07 -24.45
N ARG B 53 -6.95 14.33 -25.41
CA ARG B 53 -7.22 15.13 -26.58
C ARG B 53 -8.27 14.41 -27.42
N ASN B 54 -8.10 13.11 -27.64
CA ASN B 54 -9.02 12.36 -28.49
C ASN B 54 -10.45 12.43 -27.95
N HIS B 55 -10.61 12.32 -26.63
CA HIS B 55 -11.92 12.10 -26.04
C HIS B 55 -12.36 13.32 -25.26
N GLU B 56 -11.80 14.49 -25.62
CA GLU B 56 -12.05 15.77 -24.98
C GLU B 56 -13.56 15.98 -24.81
N THR B 57 -14.34 15.70 -25.87
CA THR B 57 -15.79 15.92 -25.84
C THR B 57 -16.47 15.06 -24.77
N ALA B 58 -16.28 13.73 -24.84
CA ALA B 58 -16.94 12.81 -23.92
C ALA B 58 -16.44 13.03 -22.49
N PHE B 59 -15.13 13.32 -22.34
CA PHE B 59 -14.52 13.61 -21.05
C PHE B 59 -15.21 14.83 -20.43
N GLN B 60 -15.37 15.87 -21.25
CA GLN B 60 -16.04 17.10 -20.80
C GLN B 60 -17.49 16.80 -20.40
N GLY B 61 -18.25 16.11 -21.27
CA GLY B 61 -19.64 15.74 -20.99
C GLY B 61 -19.78 15.03 -19.65
N MET B 62 -18.90 14.03 -19.44
CA MET B 62 -18.92 13.23 -18.23
C MET B 62 -18.53 14.06 -17.01
N LEU B 63 -17.42 14.83 -17.10
CA LEU B 63 -17.03 15.71 -16.01
C LEU B 63 -18.24 16.56 -15.57
N ARG B 64 -18.95 17.14 -16.56
CA ARG B 64 -20.02 18.07 -16.26
C ARG B 64 -21.11 17.35 -15.45
N LYS B 65 -21.46 16.12 -15.89
CA LYS B 65 -22.52 15.32 -15.27
C LYS B 65 -22.14 14.92 -13.83
N LEU B 66 -20.85 14.70 -13.57
CA LEU B 66 -20.37 14.26 -12.26
C LEU B 66 -20.45 15.42 -11.23
N ASP B 67 -20.50 16.68 -11.70
CA ASP B 67 -20.76 17.81 -10.80
C ASP B 67 -19.90 17.68 -9.54
N ILE B 68 -18.58 17.73 -9.72
CA ILE B 68 -17.66 17.56 -8.61
C ILE B 68 -17.40 18.93 -7.99
N LYS B 69 -17.53 19.00 -6.66
CA LYS B 69 -17.44 20.23 -5.89
C LYS B 69 -16.36 20.11 -4.82
N ASN B 70 -16.30 18.95 -4.14
CA ASN B 70 -15.54 18.85 -2.90
C ASN B 70 -15.09 17.41 -2.66
N GLU B 71 -14.40 17.21 -1.53
CA GLU B 71 -13.83 15.93 -1.19
C GLU B 71 -14.90 14.84 -1.09
N ASP B 72 -16.11 15.20 -0.64
CA ASP B 72 -17.20 14.24 -0.49
C ASP B 72 -17.67 13.71 -1.84
N ASP B 73 -17.70 14.57 -2.87
CA ASP B 73 -18.05 14.17 -4.22
C ASP B 73 -17.00 13.18 -4.75
N VAL B 74 -15.73 13.48 -4.46
CA VAL B 74 -14.62 12.67 -4.91
C VAL B 74 -14.80 11.26 -4.34
N LYS B 75 -15.17 11.20 -3.06
CA LYS B 75 -15.39 9.94 -2.38
C LYS B 75 -16.58 9.18 -2.95
N SER B 76 -17.40 9.82 -3.79
CA SER B 76 -18.63 9.22 -4.28
C SER B 76 -18.47 8.66 -5.69
N LEU B 77 -17.23 8.55 -6.18
CA LEU B 77 -17.04 8.29 -7.61
C LEU B 77 -17.02 6.80 -7.93
N SER B 78 -16.69 5.94 -6.95
CA SER B 78 -16.26 4.60 -7.31
C SER B 78 -17.34 3.78 -8.01
N ARG B 79 -18.63 4.03 -7.73
CA ARG B 79 -19.69 3.20 -8.29
C ARG B 79 -19.90 3.54 -9.76
N VAL B 80 -19.83 4.81 -10.13
CA VAL B 80 -19.99 5.13 -11.53
C VAL B 80 -18.74 4.70 -12.31
N MET B 81 -17.58 4.89 -11.70
CA MET B 81 -16.30 4.45 -12.25
C MET B 81 -16.32 2.94 -12.51
N ILE B 82 -16.81 2.14 -11.55
CA ILE B 82 -16.89 0.68 -11.68
C ILE B 82 -17.83 0.35 -12.84
N HIS B 83 -18.99 1.00 -12.85
CA HIS B 83 -19.96 0.76 -13.90
C HIS B 83 -19.35 1.00 -15.28
N VAL B 84 -18.58 2.09 -15.46
CA VAL B 84 -18.03 2.38 -16.79
C VAL B 84 -16.87 1.46 -17.17
N PHE B 85 -16.15 0.90 -16.18
CA PHE B 85 -14.89 0.24 -16.47
C PHE B 85 -14.95 -1.28 -16.37
N SER B 86 -15.94 -1.84 -15.66
CA SER B 86 -15.74 -3.20 -15.17
C SER B 86 -16.24 -4.28 -16.13
N ASP B 87 -17.32 -3.99 -16.86
CA ASP B 87 -17.85 -5.00 -17.77
C ASP B 87 -17.09 -4.91 -19.09
N GLY B 88 -17.06 -6.03 -19.80
CA GLY B 88 -16.61 -6.11 -21.18
C GLY B 88 -15.14 -6.53 -21.25
N VAL B 89 -14.47 -6.06 -22.30
CA VAL B 89 -13.10 -6.47 -22.58
C VAL B 89 -12.16 -5.67 -21.66
N THR B 90 -11.12 -6.32 -21.15
CA THR B 90 -10.02 -5.62 -20.51
C THR B 90 -8.80 -5.66 -21.43
N ASN B 91 -8.19 -4.48 -21.61
CA ASN B 91 -6.94 -4.36 -22.32
C ASN B 91 -6.20 -3.16 -21.74
N TRP B 92 -4.93 -3.00 -22.12
CA TRP B 92 -4.11 -1.95 -21.50
C TRP B 92 -4.63 -0.56 -21.89
N GLY B 93 -5.17 -0.46 -23.11
CA GLY B 93 -5.71 0.81 -23.54
C GLY B 93 -6.86 1.25 -22.64
N ARG B 94 -7.68 0.30 -22.22
CA ARG B 94 -8.81 0.65 -21.36
C ARG B 94 -8.30 1.17 -20.01
N ILE B 95 -7.20 0.59 -19.50
CA ILE B 95 -6.60 1.02 -18.25
C ILE B 95 -5.92 2.40 -18.39
N VAL B 96 -5.30 2.65 -19.54
CA VAL B 96 -4.86 4.00 -19.86
C VAL B 96 -6.05 4.99 -19.85
N THR B 97 -7.21 4.56 -20.41
CA THR B 97 -8.36 5.46 -20.53
C THR B 97 -8.91 5.82 -19.13
N LEU B 98 -8.95 4.83 -18.24
CA LEU B 98 -9.38 5.01 -16.84
C LEU B 98 -8.50 6.08 -16.17
N ILE B 99 -7.19 5.94 -16.34
CA ILE B 99 -6.24 6.81 -15.65
C ILE B 99 -6.26 8.21 -16.30
N SER B 100 -6.40 8.25 -17.63
CA SER B 100 -6.36 9.51 -18.37
C SER B 100 -7.59 10.34 -18.02
N PHE B 101 -8.74 9.67 -17.85
CA PHE B 101 -9.92 10.37 -17.34
C PHE B 101 -9.64 10.85 -15.91
N GLY B 102 -8.88 10.05 -15.14
CA GLY B 102 -8.45 10.51 -13.83
C GLY B 102 -7.65 11.81 -13.90
N ALA B 103 -6.70 11.91 -14.84
CA ALA B 103 -5.89 13.14 -14.98
C ALA B 103 -6.78 14.31 -15.38
N PHE B 104 -7.76 14.05 -16.24
CA PHE B 104 -8.71 15.08 -16.65
C PHE B 104 -9.49 15.63 -15.45
N VAL B 105 -9.96 14.75 -14.55
CA VAL B 105 -10.69 15.21 -13.38
C VAL B 105 -9.73 15.96 -12.45
N ALA B 106 -8.48 15.47 -12.38
CA ALA B 106 -7.51 16.06 -11.48
C ALA B 106 -7.21 17.51 -11.87
N LYS B 107 -7.14 17.79 -13.19
CA LYS B 107 -6.96 19.15 -13.69
C LYS B 107 -8.13 20.02 -13.24
N HIS B 108 -9.33 19.47 -13.34
CA HIS B 108 -10.50 20.22 -12.92
C HIS B 108 -10.40 20.54 -11.42
N LEU B 109 -10.01 19.54 -10.62
CA LEU B 109 -9.96 19.74 -9.17
C LEU B 109 -9.01 20.91 -8.84
N LYS B 110 -7.88 21.00 -9.54
CA LYS B 110 -6.97 22.11 -9.38
C LYS B 110 -7.65 23.45 -9.72
N THR B 111 -8.34 23.49 -10.87
CA THR B 111 -9.03 24.69 -11.33
C THR B 111 -10.00 25.24 -10.27
N ILE B 112 -10.70 24.36 -9.55
CA ILE B 112 -11.72 24.77 -8.58
C ILE B 112 -11.12 24.84 -7.17
N ASN B 113 -9.78 24.86 -7.06
CA ASN B 113 -9.05 25.03 -5.83
C ASN B 113 -9.36 23.87 -4.89
N GLN B 114 -9.40 22.64 -5.44
CA GLN B 114 -9.67 21.43 -4.68
C GLN B 114 -8.50 20.47 -4.79
N GLU B 115 -7.29 21.01 -4.80
CA GLU B 115 -6.07 20.24 -5.01
C GLU B 115 -5.96 19.09 -4.01
N SER B 116 -6.41 19.29 -2.76
CA SER B 116 -6.32 18.25 -1.73
C SER B 116 -7.12 17.02 -2.14
N CYS B 117 -7.95 17.13 -3.19
CA CYS B 117 -8.85 16.03 -3.53
C CYS B 117 -8.20 15.08 -4.53
N ILE B 118 -7.03 15.46 -5.04
CA ILE B 118 -6.35 14.65 -6.03
C ILE B 118 -5.91 13.31 -5.43
N GLU B 119 -5.43 13.31 -4.18
CA GLU B 119 -4.96 12.08 -3.55
C GLU B 119 -6.13 11.09 -3.35
N PRO B 120 -7.24 11.51 -2.70
CA PRO B 120 -8.44 10.68 -2.63
C PRO B 120 -8.92 10.14 -3.98
N LEU B 121 -8.86 10.98 -5.01
CA LEU B 121 -9.19 10.57 -6.38
C LEU B 121 -8.30 9.40 -6.85
N ALA B 122 -6.98 9.58 -6.77
CA ALA B 122 -6.03 8.56 -7.15
C ALA B 122 -6.27 7.25 -6.39
N GLU B 123 -6.56 7.35 -5.09
CA GLU B 123 -6.81 6.17 -4.28
C GLU B 123 -8.05 5.43 -4.77
N SER B 124 -9.09 6.21 -5.08
CA SER B 124 -10.35 5.65 -5.54
C SER B 124 -10.14 4.95 -6.89
N ILE B 125 -9.36 5.57 -7.80
CA ILE B 125 -9.03 4.95 -9.09
C ILE B 125 -8.23 3.67 -8.86
N THR B 126 -7.19 3.75 -8.03
CA THR B 126 -6.37 2.57 -7.73
C THR B 126 -7.25 1.45 -7.15
N ASP B 127 -8.14 1.82 -6.22
CA ASP B 127 -8.99 0.81 -5.60
C ASP B 127 -9.82 0.08 -6.66
N VAL B 128 -10.48 0.83 -7.52
CA VAL B 128 -11.30 0.26 -8.58
C VAL B 128 -10.46 -0.60 -9.54
N LEU B 129 -9.26 -0.12 -9.88
CA LEU B 129 -8.43 -0.85 -10.82
C LEU B 129 -8.08 -2.22 -10.24
N VAL B 130 -7.59 -2.23 -9.01
CA VAL B 130 -6.97 -3.43 -8.45
C VAL B 130 -8.07 -4.43 -8.03
N ARG B 131 -9.20 -3.88 -7.58
CA ARG B 131 -10.31 -4.70 -7.14
C ARG B 131 -10.97 -5.43 -8.32
N THR B 132 -11.08 -4.79 -9.49
CA THR B 132 -11.83 -5.36 -10.61
C THR B 132 -10.93 -6.12 -11.59
N LYS B 133 -9.62 -5.83 -11.64
CA LYS B 133 -8.80 -6.34 -12.72
C LYS B 133 -7.60 -7.12 -12.17
N ARG B 134 -7.66 -7.45 -10.88
CA ARG B 134 -6.56 -8.12 -10.17
C ARG B 134 -6.00 -9.31 -10.96
N ASP B 135 -6.88 -10.25 -11.34
CA ASP B 135 -6.43 -11.48 -11.98
C ASP B 135 -5.78 -11.17 -13.32
N TRP B 136 -6.41 -10.26 -14.07
CA TRP B 136 -5.93 -9.91 -15.40
C TRP B 136 -4.57 -9.22 -15.26
N LEU B 137 -4.44 -8.30 -14.28
CA LEU B 137 -3.20 -7.54 -14.08
C LEU B 137 -2.06 -8.52 -13.77
N VAL B 138 -2.34 -9.54 -12.95
CA VAL B 138 -1.32 -10.51 -12.59
C VAL B 138 -0.88 -11.26 -13.84
N LYS B 139 -1.85 -11.74 -14.63
CA LYS B 139 -1.52 -12.51 -15.81
C LYS B 139 -0.69 -11.69 -16.79
N GLN B 140 -0.90 -10.36 -16.81
CA GLN B 140 -0.31 -9.50 -17.82
C GLN B 140 1.02 -8.95 -17.31
N ARG B 141 1.47 -9.45 -16.13
CA ARG B 141 2.77 -9.12 -15.59
C ARG B 141 2.78 -7.69 -15.05
N GLY B 142 1.61 -7.17 -14.68
CA GLY B 142 1.50 -5.90 -13.99
C GLY B 142 2.13 -4.74 -14.77
N TRP B 143 2.86 -3.89 -14.01
CA TRP B 143 3.37 -2.65 -14.57
C TRP B 143 4.49 -2.87 -15.59
N ASP B 144 5.24 -3.96 -15.43
CA ASP B 144 6.21 -4.38 -16.46
C ASP B 144 5.54 -4.70 -17.80
N GLY B 145 4.41 -5.46 -17.75
CA GLY B 145 3.59 -5.74 -18.91
C GLY B 145 3.05 -4.46 -19.53
N PHE B 146 2.75 -3.48 -18.66
CA PHE B 146 2.23 -2.21 -19.14
C PHE B 146 3.33 -1.48 -19.92
N VAL B 147 4.53 -1.43 -19.34
CA VAL B 147 5.61 -0.71 -20.00
C VAL B 147 5.94 -1.43 -21.33
N GLU B 148 6.02 -2.75 -21.32
CA GLU B 148 6.35 -3.51 -22.52
C GLU B 148 5.32 -3.26 -23.61
N PHE B 149 4.05 -3.24 -23.21
CA PHE B 149 2.97 -3.06 -24.16
C PHE B 149 3.12 -1.77 -24.93
N PHE B 150 3.55 -0.70 -24.24
CA PHE B 150 3.56 0.60 -24.92
C PHE B 150 4.95 0.99 -25.39
N HIS B 151 5.95 0.14 -25.08
CA HIS B 151 7.28 0.19 -25.66
C HIS B 151 7.22 -0.60 -26.97
C14 A1CL3 C . 15.47 -11.70 21.72
C11 A1CL3 C . 13.22 -11.62 20.61
C10 A1CL3 C . 11.11 -13.34 17.43
C12 A1CL3 C . 12.55 -11.72 21.88
C13 A1CL3 C . 14.78 -10.89 22.83
C01 A1CL3 C . 14.99 -11.34 19.22
C02 A1CL3 C . 16.29 -11.30 18.65
C03 A1CL3 C . 16.32 -11.12 17.24
C04 A1CL3 C . 15.15 -11.00 16.43
C05 A1CL3 C . 13.90 -11.09 17.03
C06 A1CL3 C . 13.80 -11.26 18.46
C07 A1CL3 C . 12.69 -11.41 19.35
C08 A1CL3 C . 11.25 -11.36 19.00
C09 A1CL3 C . 10.67 -12.76 18.77
C15 A1CL3 C . 15.70 -13.20 22.05
C16 A1CL3 C . 11.31 -13.30 12.37
C17 A1CL3 C . 11.96 -14.05 13.37
C18 A1CL3 C . 12.85 -15.22 12.96
C19 A1CL3 C . 11.78 -13.69 14.71
C20 A1CL3 C . 10.92 -12.62 15.09
C21 A1CL3 C . 10.29 -11.88 14.09
C22 A1CL3 C . 10.49 -12.22 12.71
C23 A1CL3 C . 9.79 -11.44 11.65
C24 A1CL3 C . 11.14 -9.87 26.26
C25 A1CL3 C . 11.48 -11.25 26.30
C26 A1CL3 C . 12.27 -11.86 25.27
C27 A1CL3 C . 12.72 -11.12 24.21
C28 A1CL3 C . 12.31 -9.72 24.20
C29 A1CL3 C . 11.56 -9.08 25.19
C30 A1CL3 C . 13.19 -14.17 24.80
C31 A1CL3 C . 11.77 -13.44 26.82
C32 A1CL3 C . 11.17 -12.24 27.25
C33 A1CL3 C . 18.14 -10.30 20.18
C34 A1CL3 C . 17.53 -8.96 20.44
C35 A1CL3 C . 17.56 -11.35 19.40
C36 A1CL3 C . 18.49 -12.40 19.46
C37 A1CL3 C . 18.53 -13.77 18.91
C38 A1CL3 C . 20.72 -12.74 20.51
C39 A1CL3 C . 11.71 -14.74 27.48
C40 A1CL3 C . 14.61 -14.29 25.39
C41 A1CL3 C . 16.57 -12.90 26.01
C42 A1CL3 C . 11.24 -7.62 25.06
N01 A1CL3 C . 13.39 -11.33 23.00
N02 A1CL3 C . 14.61 -11.52 20.51
N03 A1CL3 C . 12.44 -13.19 25.59
N04 A1CL3 C . 19.35 -10.68 20.71
N05 A1CL3 C . 19.52 -11.95 20.20
O01 A1CL3 C . 10.77 -12.37 16.43
O02 A1CL3 C . 11.37 -12.05 21.97
O03 A1CL3 C . 12.18 -15.78 26.73
O04 A1CL3 C . 11.22 -14.91 28.59
O05 A1CL3 C . 15.23 -13.00 25.56
CL01 A1CL3 C . 17.90 -10.97 16.46
CL02 A1CL3 C . 11.56 -13.75 10.68
C14 A1CL3 D . -15.69 4.68 -22.67
C11 A1CL3 D . -14.07 4.22 -20.88
C10 A1CL3 D . -13.95 4.44 -16.56
C12 A1CL3 D . -13.97 2.83 -21.33
C13 A1CL3 D . -14.80 3.68 -23.52
C01 A1CL3 D . -14.92 6.30 -20.92
C02 A1CL3 D . -15.61 7.48 -21.24
C03 A1CL3 D . -15.36 8.59 -20.42
C04 A1CL3 D . -14.51 8.56 -19.31
C05 A1CL3 D . -13.86 7.37 -19.02
C06 A1CL3 D . -14.04 6.22 -19.83
C07 A1CL3 D . -13.50 4.87 -19.79
C08 A1CL3 D . -12.54 4.32 -18.76
C09 A1CL3 D . -13.28 3.52 -17.64
C15 A1CL3 D . -17.01 4.10 -22.16
C16 A1CL3 D . -14.00 8.30 -13.29
C17 A1CL3 D . -15.01 7.65 -14.02
C18 A1CL3 D . -16.51 7.92 -13.74
C19 A1CL3 D . -14.65 6.71 -15.02
C20 A1CL3 D . -13.31 6.46 -15.29
C21 A1CL3 D . -12.32 7.16 -14.57
C22 A1CL3 D . -12.65 8.06 -13.57
C23 A1CL3 D . -11.56 8.75 -12.82
C24 A1CL3 D . -14.34 -1.56 -23.84
C25 A1CL3 D . -13.19 -0.78 -24.11
C26 A1CL3 D . -13.16 0.61 -23.74
C27 A1CL3 D . -14.29 1.21 -23.11
C28 A1CL3 D . -15.46 0.35 -22.84
C29 A1CL3 D . -15.49 -1.00 -23.21
C30 A1CL3 D . -11.44 2.49 -23.96
C31 A1CL3 D . -11.15 0.09 -24.72
C32 A1CL3 D . -11.91 -1.07 -24.72
C33 A1CL3 D . -16.02 7.89 -23.72
C34 A1CL3 D . -14.63 8.02 -24.24
C35 A1CL3 D . -16.48 7.63 -22.39
C36 A1CL3 D . -17.88 7.63 -22.46
C37 A1CL3 D . -18.97 7.43 -21.49
C38 A1CL3 D . -19.43 7.99 -24.43
C39 A1CL3 D . -9.80 0.34 -25.21
C40 A1CL3 D . -12.10 3.48 -24.98
C41 A1CL3 D . -10.24 4.93 -25.53
C42 A1CL3 D . -16.70 -1.83 -22.90
N01 A1CL3 D . -14.35 2.57 -22.66
N02 A1CL3 D . -14.94 5.08 -21.51
N03 A1CL3 D . -11.91 1.10 -24.12
N04 A1CL3 D . -17.02 8.04 -24.57
N05 A1CL3 D . -18.12 7.87 -23.80
O01 A1CL3 D . -13.03 5.55 -16.31
O02 A1CL3 D . -13.58 1.96 -20.55
O03 A1CL3 D . -9.32 -0.60 -26.09
O04 A1CL3 D . -9.13 1.34 -24.85
O05 A1CL3 D . -11.31 4.09 -25.96
CL01 A1CL3 D . -16.21 10.06 -20.75
CL02 A1CL3 D . -14.41 9.45 -12.04
#